data_5K56
#
_entry.id   5K56
#
_cell.length_a   72.581
_cell.length_b   72.581
_cell.length_c   232.442
_cell.angle_alpha   90.00
_cell.angle_beta   90.00
_cell.angle_gamma   90.00
#
_symmetry.space_group_name_H-M   'I 41 2 2'
#
loop_
_entity.id
_entity.type
_entity.pdbx_description
1 polymer 'Fructose-1,6-bisphosphatase isozyme 2'
2 non-polymer 1,6-di-O-phosphono-beta-D-fructofuranose
3 water water
#
_entity_poly.entity_id   1
_entity_poly.type   'polypeptide(L)'
_entity_poly.pdbx_seq_one_letter_code
;TDRSPFETDMLTLTRYVMEKGRQAKGTGELTQLLNSMLTAIKAISSAVRKAGLAHLYGIAGSVNVTGDEVKKLDVLSNSL
VINMLQSSYSTCVLVSEENKDAIITAKEKRGKYVVCFDPLDGSSNIDCLASIGTIFAIYRKTSEDEPSEKDALQCGRNIV
AAGYALYGSATLVALSTGQGVDLFMLDPALGEFVLVEKDVKIKKKGKIYSLNEGYAKYFDAATTEYVQKKKFPEDGSAPY
GARYVGSMVADVHRTLVYGGIFLYPANQKSPKGKLRLLYECNPVAYIIEQAGGLATTGTQPVLDVKPEAIHQRVPLILGS
PEDVQEYLTCVQKNQAGS
;
_entity_poly.pdbx_strand_id   A
#
loop_
_chem_comp.id
_chem_comp.type
_chem_comp.name
_chem_comp.formula
FBP D-saccharide, beta linking 1,6-di-O-phosphono-beta-D-fructofuranose 'C6 H14 O12 P2'
#
# COMPACT_ATOMS: atom_id res chain seq x y z
N ASP A 9 -26.79 5.91 23.27
CA ASP A 9 -26.59 6.94 22.24
C ASP A 9 -25.60 7.99 22.73
N MET A 10 -24.77 7.61 23.70
CA MET A 10 -23.77 8.53 24.25
C MET A 10 -22.42 7.85 24.32
N LEU A 11 -21.35 8.62 24.14
CA LEU A 11 -20.00 8.06 24.04
C LEU A 11 -18.97 8.85 24.82
N THR A 12 -17.89 8.18 25.21
CA THR A 12 -16.70 8.85 25.70
C THR A 12 -15.55 8.58 24.75
N LEU A 13 -14.70 9.57 24.60
CA LEU A 13 -13.49 9.47 23.81
C LEU A 13 -12.31 9.28 24.73
N THR A 14 -11.36 8.48 24.27
CA THR A 14 -10.15 8.15 25.00
C THR A 14 -9.02 8.15 23.97
N ARG A 15 -7.88 8.72 24.35
CA ARG A 15 -6.75 8.85 23.42
C ARG A 15 -6.12 7.48 23.14
N GLU A 29 8.34 11.09 18.93
CA GLU A 29 8.87 11.62 17.69
C GLU A 29 8.36 10.84 16.47
N LEU A 30 8.36 9.53 16.55
CA LEU A 30 7.68 8.75 15.54
C LEU A 30 6.18 9.04 15.64
N THR A 31 5.70 9.18 16.86
CA THR A 31 4.31 9.51 17.15
C THR A 31 3.93 10.86 16.52
N GLN A 32 4.83 11.82 16.72
CA GLN A 32 4.77 13.13 16.10
C GLN A 32 4.60 13.06 14.58
N LEU A 33 5.47 12.28 13.94
CA LEU A 33 5.44 12.12 12.50
C LEU A 33 4.09 11.57 12.02
N LEU A 34 3.59 10.54 12.68
CA LEU A 34 2.33 9.92 12.31
C LEU A 34 1.11 10.84 12.46
N ASN A 35 1.11 11.69 13.49
CA ASN A 35 0.01 12.64 13.65
C ASN A 35 0.00 13.66 12.51
N SER A 36 1.17 14.07 12.04
CA SER A 36 1.26 15.02 10.94
C SER A 36 0.83 14.39 9.61
N MET A 37 1.21 13.12 9.39
CA MET A 37 0.79 12.41 8.18
C MET A 37 -0.72 12.32 8.20
N LEU A 38 -1.27 12.02 9.38
CA LEU A 38 -2.72 11.92 9.55
C LEU A 38 -3.38 13.25 9.29
N THR A 39 -2.76 14.33 9.76
CA THR A 39 -3.32 15.65 9.54
C THR A 39 -3.36 15.96 8.05
N ALA A 40 -2.33 15.54 7.31
CA ALA A 40 -2.29 15.82 5.89
C ALA A 40 -3.37 14.99 5.19
N ILE A 41 -3.59 13.79 5.70
CA ILE A 41 -4.64 12.92 5.18
C ILE A 41 -6.01 13.55 5.43
N LYS A 42 -6.22 14.09 6.62
CA LYS A 42 -7.39 14.92 6.88
C LYS A 42 -7.59 16.04 5.84
N ALA A 43 -6.54 16.82 5.59
CA ALA A 43 -6.61 17.92 4.63
C ALA A 43 -6.91 17.40 3.24
N ILE A 44 -6.16 16.37 2.81
CA ILE A 44 -6.34 15.75 1.51
C ILE A 44 -7.76 15.26 1.36
N SER A 45 -8.28 14.68 2.42
CA SER A 45 -9.61 14.12 2.39
C SER A 45 -10.68 15.16 2.00
N SER A 46 -10.64 16.36 2.60
CA SER A 46 -11.69 17.34 2.31
C SER A 46 -11.46 18.04 0.97
N ALA A 47 -10.21 18.06 0.52
CA ALA A 47 -9.91 18.56 -0.82
C ALA A 47 -10.43 17.59 -1.87
N VAL A 48 -10.50 16.32 -1.51
CA VAL A 48 -11.22 15.35 -2.31
C VAL A 48 -12.71 15.48 -1.98
N LYS A 71 -5.93 17.23 -10.68
CA LYS A 71 -4.55 17.02 -11.12
C LYS A 71 -3.68 18.19 -10.66
N LYS A 72 -4.31 19.34 -10.49
CA LYS A 72 -3.80 20.35 -9.59
C LYS A 72 -4.01 19.82 -8.17
N LEU A 73 -4.89 18.81 -8.07
CA LEU A 73 -5.19 18.10 -6.83
C LEU A 73 -4.00 17.24 -6.42
N ASP A 74 -3.33 16.69 -7.41
CA ASP A 74 -2.10 15.93 -7.18
C ASP A 74 -1.06 16.85 -6.57
N VAL A 75 -0.94 18.02 -7.18
CA VAL A 75 -0.01 19.05 -6.76
C VAL A 75 -0.35 19.55 -5.35
N LEU A 76 -1.62 19.75 -5.10
CA LEU A 76 -2.08 20.26 -3.82
C LEU A 76 -1.77 19.27 -2.71
N SER A 77 -2.24 18.04 -2.91
CA SER A 77 -2.07 17.00 -1.91
CA SER A 77 -2.07 17.00 -1.91
C SER A 77 -0.59 16.74 -1.66
N ASN A 78 0.21 16.84 -2.70
CA ASN A 78 1.64 16.63 -2.58
C ASN A 78 2.29 17.60 -1.59
N SER A 79 2.00 18.89 -1.75
CA SER A 79 2.61 19.91 -0.92
C SER A 79 2.07 19.86 0.50
N LEU A 80 0.84 19.40 0.64
CA LEU A 80 0.25 19.26 1.96
C LEU A 80 1.05 18.24 2.77
N VAL A 81 1.44 17.15 2.13
CA VAL A 81 2.22 16.12 2.83
C VAL A 81 3.61 16.62 3.14
N ILE A 82 4.28 17.12 2.11
CA ILE A 82 5.63 17.64 2.24
C ILE A 82 5.72 18.64 3.40
N ASN A 83 4.80 19.59 3.43
CA ASN A 83 4.90 20.69 4.38
C ASN A 83 4.50 20.30 5.79
N MET A 84 3.47 19.49 5.92
CA MET A 84 3.07 19.04 7.24
C MET A 84 4.08 18.05 7.78
N LEU A 85 4.74 17.31 6.89
CA LEU A 85 5.75 16.37 7.32
C LEU A 85 6.99 17.13 7.78
N GLN A 86 7.25 18.26 7.13
CA GLN A 86 8.44 19.05 7.42
C GLN A 86 8.24 19.99 8.60
N SER A 87 7.05 19.98 9.19
CA SER A 87 6.79 20.81 10.36
C SER A 87 6.83 19.94 11.61
N SER A 88 6.94 18.63 11.41
CA SER A 88 6.93 17.71 12.53
C SER A 88 8.30 17.65 13.21
N TYR A 89 9.31 18.23 12.57
CA TYR A 89 10.67 18.19 13.09
C TYR A 89 11.14 16.76 13.31
N SER A 90 10.73 15.85 12.45
CA SER A 90 11.09 14.45 12.62
C SER A 90 11.50 13.78 11.32
N THR A 91 11.79 14.58 10.29
CA THR A 91 12.20 14.01 9.00
C THR A 91 13.50 14.61 8.50
N CYS A 92 14.21 13.85 7.69
CA CYS A 92 15.44 14.30 7.05
C CYS A 92 15.38 14.11 5.54
N VAL A 93 14.71 13.05 5.10
CA VAL A 93 14.58 12.76 3.67
C VAL A 93 13.17 12.26 3.33
N LEU A 94 12.51 12.95 2.40
CA LEU A 94 11.21 12.54 1.90
C LEU A 94 11.31 12.02 0.47
N VAL A 95 10.57 10.97 0.15
CA VAL A 95 10.46 10.53 -1.22
C VAL A 95 8.99 10.55 -1.61
N SER A 96 8.70 11.28 -2.69
CA SER A 96 7.35 11.45 -3.18
C SER A 96 7.22 10.93 -4.60
N GLU A 97 6.07 10.33 -4.89
CA GLU A 97 5.74 9.92 -6.24
C GLU A 97 5.72 11.13 -7.19
N GLU A 98 5.52 12.33 -6.65
CA GLU A 98 5.38 13.53 -7.48
C GLU A 98 6.70 14.32 -7.72
N ASN A 99 7.77 13.96 -7.02
CA ASN A 99 9.06 14.63 -7.15
C ASN A 99 10.15 13.72 -7.66
N LYS A 100 10.84 14.13 -8.72
CA LYS A 100 11.91 13.32 -9.31
C LYS A 100 12.94 12.87 -8.27
N ASP A 101 13.44 13.84 -7.50
CA ASP A 101 14.51 13.59 -6.55
C ASP A 101 14.01 13.67 -5.12
N ALA A 102 14.82 13.13 -4.20
CA ALA A 102 14.45 13.12 -2.80
C ALA A 102 14.46 14.55 -2.23
N ILE A 103 13.60 14.78 -1.24
CA ILE A 103 13.40 16.11 -0.68
C ILE A 103 14.01 16.21 0.71
N ILE A 104 15.20 16.79 0.77
CA ILE A 104 15.97 16.89 2.01
C ILE A 104 15.46 17.96 2.96
N THR A 105 15.12 17.54 4.17
CA THR A 105 14.66 18.48 5.19
C THR A 105 15.84 19.34 5.67
N ALA A 106 15.62 20.65 5.72
CA ALA A 106 16.62 21.57 6.27
C ALA A 106 16.91 21.19 7.72
N LYS A 107 18.13 21.43 8.19
CA LYS A 107 18.53 20.97 9.52
C LYS A 107 17.71 21.64 10.62
N GLU A 108 17.16 22.81 10.34
CA GLU A 108 16.32 23.51 11.31
C GLU A 108 15.21 22.59 11.84
N LYS A 109 14.73 21.72 10.95
CA LYS A 109 13.55 20.92 11.22
C LYS A 109 13.86 19.44 11.03
N ARG A 110 15.11 19.05 11.24
CA ARG A 110 15.53 17.70 10.92
C ARG A 110 15.38 16.73 12.09
N GLY A 111 14.90 15.53 11.77
CA GLY A 111 14.75 14.44 12.73
C GLY A 111 15.17 13.13 12.10
N LYS A 112 14.86 12.01 12.78
CA LYS A 112 15.51 10.73 12.46
C LYS A 112 14.84 9.85 11.40
N TYR A 113 13.63 10.17 10.98
CA TYR A 113 12.86 9.26 10.13
C TYR A 113 12.81 9.69 8.67
N VAL A 114 12.60 8.70 7.80
CA VAL A 114 12.52 8.88 6.35
C VAL A 114 11.13 8.45 5.90
N VAL A 115 10.48 9.26 5.06
CA VAL A 115 9.12 8.96 4.64
C VAL A 115 9.05 8.89 3.12
N CYS A 116 8.66 7.71 2.63
CA CYS A 116 8.35 7.50 1.24
C CYS A 116 6.83 7.49 1.07
N PHE A 117 6.29 8.32 0.18
CA PHE A 117 4.85 8.39 0.02
C PHE A 117 4.36 8.65 -1.41
N ASP A 118 3.11 8.25 -1.62
CA ASP A 118 2.36 8.56 -2.82
C ASP A 118 1.15 9.36 -2.33
N PRO A 119 1.17 10.69 -2.53
CA PRO A 119 0.16 11.51 -1.83
C PRO A 119 -1.26 11.28 -2.31
N LEU A 120 -1.40 10.79 -3.54
CA LEU A 120 -2.71 10.67 -4.18
C LEU A 120 -2.67 9.66 -5.28
N ASP A 121 -3.24 8.49 -5.00
CA ASP A 121 -3.20 7.34 -5.89
C ASP A 121 -4.57 7.10 -6.50
N GLY A 122 -4.64 6.86 -7.80
CA GLY A 122 -5.91 6.67 -8.48
C GLY A 122 -6.33 7.93 -9.21
N ALA A 130 -13.87 8.30 -7.34
CA ALA A 130 -13.88 7.84 -5.97
C ALA A 130 -12.91 6.69 -5.81
N SER A 131 -12.74 6.23 -4.58
CA SER A 131 -11.73 5.22 -4.26
C SER A 131 -10.30 5.70 -4.64
N ILE A 132 -9.99 6.95 -4.31
CA ILE A 132 -8.64 7.48 -4.39
C ILE A 132 -7.93 7.16 -3.06
N GLY A 133 -6.60 7.20 -3.06
CA GLY A 133 -5.87 6.91 -1.84
C GLY A 133 -4.58 7.67 -1.68
N THR A 134 -4.00 7.54 -0.49
CA THR A 134 -2.70 8.09 -0.13
C THR A 134 -1.88 6.94 0.48
N ILE A 135 -0.62 6.79 0.14
CA ILE A 135 0.21 5.67 0.64
C ILE A 135 1.53 6.18 1.22
N PHE A 136 1.96 5.58 2.33
CA PHE A 136 3.23 6.00 2.93
C PHE A 136 3.91 4.92 3.77
N ALA A 137 5.24 4.94 3.76
CA ALA A 137 6.03 4.13 4.68
C ALA A 137 7.16 4.95 5.27
N ILE A 138 7.43 4.71 6.55
CA ILE A 138 8.43 5.43 7.31
C ILE A 138 9.61 4.51 7.64
N TYR A 139 10.83 5.00 7.44
CA TYR A 139 12.04 4.22 7.77
C TYR A 139 12.87 4.91 8.85
N GLU A 149 20.02 10.99 0.32
CA GLU A 149 19.05 10.22 -0.44
C GLU A 149 19.23 8.71 -0.23
N LYS A 150 20.45 8.27 0.07
CA LYS A 150 20.71 6.86 0.36
C LYS A 150 19.82 6.38 1.49
N ASP A 151 19.40 7.30 2.32
CA ASP A 151 18.59 6.95 3.47
C ASP A 151 17.19 6.55 3.04
N ALA A 152 16.82 6.82 1.79
CA ALA A 152 15.48 6.46 1.29
C ALA A 152 15.50 5.17 0.47
N LEU A 153 16.67 4.58 0.27
CA LEU A 153 16.80 3.33 -0.47
C LEU A 153 17.02 2.13 0.44
N GLN A 154 16.23 2.04 1.50
CA GLN A 154 16.29 0.89 2.39
C GLN A 154 15.28 -0.12 1.92
N CYS A 155 15.54 -1.40 2.15
CA CYS A 155 14.57 -2.43 1.82
C CYS A 155 13.41 -2.35 2.82
N GLY A 156 12.26 -2.85 2.42
CA GLY A 156 11.04 -2.69 3.20
C GLY A 156 11.13 -3.22 4.60
N ARG A 157 12.09 -4.11 4.85
CA ARG A 157 12.24 -4.76 6.15
C ARG A 157 12.68 -3.77 7.26
N ASN A 158 13.23 -2.62 6.86
CA ASN A 158 13.59 -1.58 7.81
C ASN A 158 12.41 -0.67 8.17
N ILE A 159 11.23 -0.92 7.61
CA ILE A 159 10.07 -0.07 7.88
C ILE A 159 9.70 -0.09 9.37
N VAL A 160 9.53 1.08 9.95
CA VAL A 160 9.10 1.20 11.34
C VAL A 160 7.60 1.40 11.39
N ALA A 161 7.06 2.08 10.37
CA ALA A 161 5.64 2.37 10.30
C ALA A 161 5.20 2.58 8.86
N ALA A 162 3.95 2.23 8.55
CA ALA A 162 3.39 2.48 7.23
C ALA A 162 1.89 2.36 7.25
N GLY A 163 1.26 2.86 6.20
CA GLY A 163 -0.17 2.72 6.04
C GLY A 163 -0.71 3.32 4.76
N TYR A 164 -2.01 3.23 4.61
CA TYR A 164 -2.70 3.94 3.56
C TYR A 164 -4.01 4.56 4.05
N ALA A 165 -4.47 5.55 3.31
CA ALA A 165 -5.82 6.06 3.45
C ALA A 165 -6.60 5.83 2.17
N LEU A 166 -7.88 5.51 2.33
CA LEU A 166 -8.78 5.35 1.23
C LEU A 166 -9.92 6.35 1.42
N TYR A 167 -10.08 7.24 0.45
CA TYR A 167 -11.04 8.34 0.54
C TYR A 167 -12.35 7.91 -0.09
N GLY A 168 -13.18 7.25 0.71
CA GLY A 168 -14.48 6.84 0.25
C GLY A 168 -15.59 7.65 0.89
N SER A 169 -16.77 7.04 0.91
CA SER A 169 -17.90 7.53 1.68
C SER A 169 -17.42 7.94 3.06
N ALA A 170 -16.40 7.24 3.54
CA ALA A 170 -15.68 7.67 4.72
C ALA A 170 -14.19 7.55 4.43
N THR A 171 -13.38 8.34 5.12
CA THR A 171 -11.93 8.27 4.94
C THR A 171 -11.35 7.30 5.94
N LEU A 172 -10.65 6.32 5.42
CA LEU A 172 -10.25 5.19 6.19
C LEU A 172 -8.75 5.07 6.18
N VAL A 173 -8.17 4.70 7.31
CA VAL A 173 -6.74 4.52 7.38
C VAL A 173 -6.41 3.17 7.94
N ALA A 174 -5.60 2.42 7.20
CA ALA A 174 -4.95 1.24 7.73
C ALA A 174 -3.56 1.64 8.14
N LEU A 175 -3.20 1.26 9.37
CA LEU A 175 -1.96 1.70 9.98
C LEU A 175 -1.30 0.53 10.71
N SER A 176 0.03 0.50 10.72
CA SER A 176 0.79 -0.51 11.45
C SER A 176 2.15 0.02 11.79
N THR A 177 2.60 -0.29 13.01
CA THR A 177 3.92 0.12 13.48
C THR A 177 4.74 -1.09 13.89
N GLY A 178 4.34 -2.27 13.40
CA GLY A 178 5.10 -3.50 13.63
C GLY A 178 4.40 -4.51 14.52
N GLN A 179 3.24 -4.14 15.05
CA GLN A 179 2.48 -5.00 15.96
C GLN A 179 1.08 -5.23 15.44
N GLY A 180 0.99 -5.49 14.13
CA GLY A 180 -0.29 -5.74 13.49
C GLY A 180 -0.84 -4.50 12.83
N VAL A 181 -2.05 -4.62 12.28
CA VAL A 181 -2.68 -3.56 11.53
C VAL A 181 -3.90 -3.07 12.27
N ASP A 182 -4.03 -1.76 12.36
CA ASP A 182 -5.20 -1.13 12.93
C ASP A 182 -5.94 -0.33 11.85
N LEU A 183 -7.26 -0.42 11.85
CA LEU A 183 -8.08 0.39 10.95
C LEU A 183 -8.71 1.57 11.64
N PHE A 184 -8.59 2.74 11.01
CA PHE A 184 -9.13 3.97 11.53
C PHE A 184 -10.10 4.66 10.61
N MET A 185 -11.01 5.43 11.20
CA MET A 185 -11.90 6.28 10.44
C MET A 185 -11.78 7.73 10.83
N LEU A 186 -11.51 8.57 9.85
CA LEU A 186 -11.44 10.00 10.08
C LEU A 186 -12.80 10.48 10.53
N ASP A 187 -12.85 11.07 11.72
CA ASP A 187 -14.06 11.74 12.20
C ASP A 187 -13.87 13.21 11.86
N PRO A 188 -14.49 13.68 10.77
CA PRO A 188 -14.16 15.01 10.28
C PRO A 188 -14.68 16.05 11.25
N ALA A 189 -15.82 15.76 11.88
CA ALA A 189 -16.38 16.62 12.91
C ALA A 189 -15.36 16.81 14.03
N LEU A 190 -14.85 15.71 14.57
CA LEU A 190 -13.82 15.79 15.61
C LEU A 190 -12.48 16.20 15.03
N GLY A 191 -12.34 16.07 13.71
CA GLY A 191 -11.04 16.26 13.08
C GLY A 191 -9.99 15.26 13.56
N GLU A 192 -10.42 14.06 13.94
CA GLU A 192 -9.49 13.04 14.43
C GLU A 192 -9.85 11.64 13.95
N PHE A 193 -8.90 10.73 14.07
CA PHE A 193 -9.07 9.37 13.57
C PHE A 193 -9.52 8.44 14.67
N VAL A 194 -10.60 7.71 14.39
CA VAL A 194 -11.21 6.81 15.35
C VAL A 194 -10.91 5.35 15.03
N LEU A 195 -10.45 4.62 16.04
CA LEU A 195 -10.18 3.20 15.91
C LEU A 195 -11.48 2.43 15.67
N VAL A 196 -11.57 1.64 14.60
CA VAL A 196 -12.77 0.84 14.36
C VAL A 196 -12.47 -0.66 14.36
N GLU A 197 -11.20 -1.03 14.17
CA GLU A 197 -10.80 -2.41 14.32
C GLU A 197 -9.31 -2.52 14.65
N LYS A 198 -8.99 -3.31 15.66
CA LYS A 198 -7.61 -3.57 16.05
C LYS A 198 -7.06 -4.89 15.43
N ASP A 199 -5.75 -4.95 15.21
CA ASP A 199 -5.05 -6.17 14.74
C ASP A 199 -5.76 -6.91 13.61
N VAL A 200 -6.06 -6.22 12.53
CA VAL A 200 -6.82 -6.82 11.45
C VAL A 200 -6.05 -7.98 10.88
N LYS A 201 -6.72 -9.11 10.68
CA LYS A 201 -6.07 -10.30 10.15
C LYS A 201 -6.77 -10.70 8.87
N ILE A 202 -5.97 -11.08 7.87
CA ILE A 202 -6.50 -11.50 6.57
C ILE A 202 -6.78 -12.99 6.58
N LYS A 203 -7.79 -13.42 5.82
CA LYS A 203 -8.06 -14.84 5.61
C LYS A 203 -6.82 -15.62 5.13
N LYS A 204 -6.64 -16.82 5.63
CA LYS A 204 -5.63 -17.73 5.08
C LYS A 204 -5.81 -17.90 3.57
N LYS A 205 -7.06 -18.03 3.15
CA LYS A 205 -7.41 -18.25 1.75
C LYS A 205 -8.74 -17.59 1.41
N GLY A 206 -8.78 -16.90 0.27
CA GLY A 206 -9.97 -16.20 -0.18
C GLY A 206 -10.60 -16.83 -1.39
N LYS A 207 -11.54 -16.11 -1.98
CA LYS A 207 -12.19 -16.53 -3.21
C LYS A 207 -12.32 -15.39 -4.21
N ILE A 208 -11.45 -14.39 -4.09
CA ILE A 208 -11.42 -13.31 -5.08
C ILE A 208 -10.05 -13.14 -5.65
N TYR A 209 -9.97 -13.04 -6.98
CA TYR A 209 -8.72 -12.68 -7.66
C TYR A 209 -8.92 -11.37 -8.40
N SER A 210 -7.85 -10.58 -8.40
CA SER A 210 -7.97 -9.18 -8.78
C SER A 210 -6.76 -8.75 -9.56
N LEU A 211 -6.94 -8.64 -10.87
CA LEU A 211 -5.92 -8.09 -11.75
C LEU A 211 -6.57 -7.59 -13.04
N ASN A 212 -5.88 -6.74 -13.76
CA ASN A 212 -6.34 -6.27 -15.05
C ASN A 212 -6.17 -7.34 -16.13
N GLU A 213 -7.22 -8.08 -16.45
CA GLU A 213 -7.10 -9.16 -17.44
C GLU A 213 -7.03 -8.65 -18.89
N GLY A 214 -7.08 -7.34 -19.06
CA GLY A 214 -6.97 -6.75 -20.38
C GLY A 214 -5.54 -6.83 -20.85
N TYR A 215 -4.66 -7.29 -19.97
CA TYR A 215 -3.25 -7.48 -20.29
C TYR A 215 -2.94 -8.94 -20.57
N ALA A 216 -3.98 -9.75 -20.72
CA ALA A 216 -3.79 -11.19 -20.88
C ALA A 216 -2.79 -11.53 -21.99
N LYS A 217 -2.78 -10.69 -23.02
CA LYS A 217 -1.94 -10.89 -24.18
C LYS A 217 -0.46 -10.65 -23.84
N TYR A 218 -0.23 -10.01 -22.71
CA TYR A 218 1.11 -9.63 -22.28
C TYR A 218 1.58 -10.40 -21.04
N PHE A 219 0.68 -11.22 -20.50
CA PHE A 219 0.96 -12.00 -19.28
C PHE A 219 2.08 -12.98 -19.53
N ASP A 220 2.86 -13.29 -18.49
CA ASP A 220 3.82 -14.38 -18.59
C ASP A 220 3.05 -15.66 -18.34
N ALA A 221 3.71 -16.79 -18.54
CA ALA A 221 3.08 -18.11 -18.43
C ALA A 221 2.47 -18.37 -17.05
N ALA A 222 3.24 -18.10 -16.00
CA ALA A 222 2.73 -18.30 -14.64
C ALA A 222 1.43 -17.55 -14.41
N THR A 223 1.34 -16.31 -14.87
CA THR A 223 0.14 -15.52 -14.59
C THR A 223 -1.00 -16.12 -15.39
N THR A 224 -0.70 -16.51 -16.61
CA THR A 224 -1.70 -17.09 -17.50
C THR A 224 -2.22 -18.34 -16.86
N GLU A 225 -1.30 -19.17 -16.40
CA GLU A 225 -1.68 -20.41 -15.72
C GLU A 225 -2.52 -20.13 -14.47
N TYR A 226 -2.09 -19.21 -13.62
CA TYR A 226 -2.77 -19.02 -12.34
C TYR A 226 -4.21 -18.55 -12.56
N VAL A 227 -4.39 -17.60 -13.47
CA VAL A 227 -5.72 -17.09 -13.80
C VAL A 227 -6.61 -18.20 -14.36
N GLN A 228 -6.03 -19.08 -15.19
CA GLN A 228 -6.74 -20.26 -15.70
C GLN A 228 -7.27 -21.15 -14.56
N LYS A 229 -6.42 -21.39 -13.56
CA LYS A 229 -6.81 -22.20 -12.39
C LYS A 229 -7.93 -21.56 -11.58
N LYS A 230 -8.00 -20.24 -11.55
CA LYS A 230 -9.07 -19.55 -10.81
C LYS A 230 -10.45 -19.69 -11.48
N LYS A 231 -10.47 -19.69 -12.81
CA LYS A 231 -11.72 -19.81 -13.59
C LYS A 231 -12.16 -21.25 -13.78
N PHE A 232 -11.18 -22.14 -13.93
CA PHE A 232 -11.44 -23.55 -14.18
C PHE A 232 -10.70 -24.39 -13.15
N PRO A 233 -11.15 -24.32 -11.88
CA PRO A 233 -10.52 -25.16 -10.87
C PRO A 233 -10.61 -26.61 -11.30
N GLU A 234 -9.48 -27.29 -11.27
CA GLU A 234 -9.38 -28.69 -11.67
C GLU A 234 -9.64 -29.58 -10.46
N ASP A 235 -10.44 -29.09 -9.51
CA ASP A 235 -10.69 -29.80 -8.26
C ASP A 235 -12.16 -29.79 -7.87
N GLY A 236 -13.03 -29.51 -8.83
CA GLY A 236 -14.47 -29.47 -8.58
C GLY A 236 -14.92 -28.39 -7.61
N SER A 237 -14.07 -27.40 -7.35
CA SER A 237 -14.45 -26.25 -6.51
C SER A 237 -14.94 -25.08 -7.37
N ALA A 238 -15.69 -24.17 -6.78
CA ALA A 238 -16.23 -23.02 -7.51
C ALA A 238 -15.10 -22.12 -8.04
N PRO A 239 -15.31 -21.50 -9.20
CA PRO A 239 -14.30 -20.53 -9.62
C PRO A 239 -14.27 -19.35 -8.65
N TYR A 240 -13.13 -18.70 -8.51
CA TYR A 240 -13.09 -17.47 -7.73
C TYR A 240 -13.91 -16.41 -8.43
N GLY A 241 -14.35 -15.42 -7.68
CA GLY A 241 -14.93 -14.23 -8.24
C GLY A 241 -13.83 -13.25 -8.64
N ALA A 242 -14.11 -12.43 -9.64
CA ALA A 242 -13.17 -11.39 -10.03
C ALA A 242 -13.64 -10.00 -9.60
N ARG A 243 -12.68 -9.17 -9.22
CA ARG A 243 -12.89 -7.78 -8.82
C ARG A 243 -11.67 -7.00 -9.16
N TYR A 244 -11.83 -5.83 -9.76
CA TYR A 244 -10.69 -4.99 -10.09
C TYR A 244 -11.15 -3.55 -10.25
N VAL A 245 -10.93 -2.74 -9.22
CA VAL A 245 -11.37 -1.36 -9.26
C VAL A 245 -10.43 -0.55 -10.13
N GLY A 246 -9.16 -0.93 -10.16
CA GLY A 246 -8.15 -0.21 -10.90
C GLY A 246 -7.50 0.92 -10.12
N SER A 247 -7.80 1.01 -8.83
CA SER A 247 -7.08 1.90 -7.92
C SER A 247 -6.45 1.01 -6.87
N MET A 248 -5.14 1.12 -6.69
CA MET A 248 -4.43 0.15 -5.88
C MET A 248 -4.89 0.09 -4.43
N VAL A 249 -5.04 1.25 -3.81
CA VAL A 249 -5.44 1.30 -2.42
C VAL A 249 -6.77 0.59 -2.27
N ALA A 250 -7.68 0.81 -3.21
CA ALA A 250 -9.00 0.21 -3.16
C ALA A 250 -8.94 -1.28 -3.39
N ASP A 251 -8.14 -1.73 -4.35
CA ASP A 251 -8.06 -3.16 -4.56
C ASP A 251 -7.35 -3.87 -3.38
N VAL A 252 -6.29 -3.27 -2.86
CA VAL A 252 -5.55 -3.86 -1.75
C VAL A 252 -6.42 -3.90 -0.47
N HIS A 253 -7.19 -2.85 -0.24
CA HIS A 253 -8.02 -2.79 0.94
C HIS A 253 -9.12 -3.84 0.92
N ARG A 254 -9.82 -3.99 -0.20
CA ARG A 254 -10.75 -5.11 -0.38
C ARG A 254 -10.03 -6.45 -0.11
N THR A 255 -8.78 -6.58 -0.57
CA THR A 255 -8.09 -7.84 -0.42
C THR A 255 -7.86 -8.12 1.06
N LEU A 256 -7.52 -7.09 1.81
CA LEU A 256 -7.31 -7.21 3.25
C LEU A 256 -8.56 -7.67 3.98
N VAL A 257 -9.69 -6.98 3.77
CA VAL A 257 -10.86 -7.27 4.62
C VAL A 257 -11.70 -8.46 4.14
N TYR A 258 -11.66 -8.78 2.85
CA TYR A 258 -12.50 -9.84 2.31
C TYR A 258 -11.67 -11.09 2.04
N GLY A 259 -10.39 -10.89 1.79
CA GLY A 259 -9.47 -11.98 1.50
C GLY A 259 -9.27 -12.14 0.00
N GLY A 260 -8.28 -12.93 -0.37
CA GLY A 260 -8.05 -13.27 -1.77
C GLY A 260 -6.70 -12.77 -2.23
N ILE A 261 -6.62 -12.38 -3.50
CA ILE A 261 -5.33 -12.03 -4.05
C ILE A 261 -5.45 -10.88 -5.02
N PHE A 262 -4.42 -10.04 -4.99
CA PHE A 262 -4.28 -8.90 -5.90
C PHE A 262 -2.95 -8.99 -6.64
N LEU A 263 -3.00 -8.84 -7.96
CA LEU A 263 -1.82 -8.94 -8.81
C LEU A 263 -1.65 -7.75 -9.75
N TYR A 264 -0.46 -7.19 -9.72
CA TYR A 264 0.04 -6.41 -10.85
C TYR A 264 1.39 -7.00 -11.19
N PRO A 265 1.40 -8.12 -11.93
CA PRO A 265 2.65 -8.79 -12.27
C PRO A 265 3.44 -8.07 -13.35
N ALA A 266 4.65 -8.52 -13.61
CA ALA A 266 5.33 -8.15 -14.83
C ALA A 266 4.49 -8.63 -15.99
N ASN A 267 4.48 -7.84 -17.06
CA ASN A 267 3.96 -8.27 -18.35
C ASN A 267 4.89 -7.78 -19.47
N GLN A 268 4.66 -8.27 -20.68
CA GLN A 268 5.48 -7.89 -21.83
C GLN A 268 5.74 -6.38 -21.93
N LYS A 269 4.74 -5.56 -21.64
CA LYS A 269 4.85 -4.12 -21.85
C LYS A 269 5.37 -3.37 -20.61
N SER A 270 5.19 -3.98 -19.43
CA SER A 270 5.79 -3.50 -18.18
C SER A 270 6.63 -4.64 -17.56
N PRO A 271 7.86 -4.85 -18.04
CA PRO A 271 8.64 -6.02 -17.58
C PRO A 271 9.06 -5.98 -16.10
N LYS A 272 8.97 -4.82 -15.46
CA LYS A 272 9.26 -4.72 -14.03
C LYS A 272 8.01 -4.38 -13.26
N GLY A 273 6.87 -4.60 -13.88
CA GLY A 273 5.60 -4.24 -13.27
C GLY A 273 5.39 -2.75 -13.39
N LYS A 274 4.27 -2.27 -12.87
CA LYS A 274 3.95 -0.85 -12.94
C LYS A 274 4.13 -0.15 -11.62
N LEU A 275 3.76 -0.82 -10.53
CA LEU A 275 3.68 -0.16 -9.23
C LEU A 275 5.06 0.10 -8.63
N ARG A 276 5.17 1.17 -7.84
CA ARG A 276 6.44 1.66 -7.37
C ARG A 276 6.87 1.08 -6.02
N LEU A 277 8.12 0.61 -5.97
CA LEU A 277 8.62 -0.08 -4.80
C LEU A 277 8.55 0.77 -3.51
N LEU A 278 9.10 1.97 -3.52
CA LEU A 278 9.29 2.67 -2.25
C LEU A 278 8.00 3.10 -1.57
N TYR A 279 7.02 3.54 -2.34
CA TYR A 279 5.84 4.20 -1.76
C TYR A 279 4.53 3.68 -2.27
N GLU A 280 4.56 2.55 -2.98
CA GLU A 280 3.34 1.83 -3.33
C GLU A 280 3.44 0.40 -2.85
N CYS A 281 4.38 -0.36 -3.41
CA CYS A 281 4.50 -1.76 -3.08
C CYS A 281 5.04 -2.02 -1.67
N ASN A 282 6.13 -1.38 -1.28
CA ASN A 282 6.64 -1.66 0.05
C ASN A 282 5.60 -1.38 1.13
N PRO A 283 4.96 -0.20 1.11
CA PRO A 283 3.94 0.08 2.13
C PRO A 283 2.84 -0.98 2.25
N VAL A 284 2.17 -1.34 1.16
CA VAL A 284 1.04 -2.27 1.26
C VAL A 284 1.54 -3.66 1.62
N ALA A 285 2.75 -3.99 1.19
CA ALA A 285 3.37 -5.27 1.54
C ALA A 285 3.56 -5.35 3.05
N TYR A 286 3.97 -4.24 3.64
CA TYR A 286 4.13 -4.18 5.07
C TYR A 286 2.79 -4.36 5.79
N ILE A 287 1.77 -3.63 5.34
CA ILE A 287 0.44 -3.73 5.91
C ILE A 287 -0.06 -5.15 5.80
N ILE A 288 0.04 -5.69 4.60
CA ILE A 288 -0.53 -7.00 4.30
C ILE A 288 0.18 -8.09 5.09
N GLU A 289 1.49 -7.99 5.28
CA GLU A 289 2.21 -9.03 6.04
C GLU A 289 1.88 -8.95 7.52
N GLN A 290 1.77 -7.74 8.04
CA GLN A 290 1.37 -7.52 9.43
C GLN A 290 -0.04 -8.04 9.70
N ALA A 291 -0.82 -8.27 8.64
CA ALA A 291 -2.15 -8.84 8.79
C ALA A 291 -2.17 -10.35 8.51
N GLY A 292 -1.00 -10.92 8.30
CA GLY A 292 -0.86 -12.36 8.17
C GLY A 292 -0.88 -12.86 6.75
N GLY A 293 -0.59 -11.95 5.82
CA GLY A 293 -0.59 -12.27 4.41
C GLY A 293 0.80 -12.31 3.80
N LEU A 294 0.84 -12.36 2.47
CA LEU A 294 2.12 -12.35 1.78
C LEU A 294 2.11 -11.32 0.68
N ALA A 295 3.30 -10.84 0.35
CA ALA A 295 3.52 -9.89 -0.74
C ALA A 295 4.81 -10.25 -1.43
N THR A 296 4.68 -10.72 -2.67
CA THR A 296 5.82 -11.21 -3.43
C THR A 296 5.91 -10.45 -4.74
N THR A 297 7.11 -10.40 -5.30
CA THR A 297 7.30 -9.93 -6.68
C THR A 297 7.14 -11.08 -7.69
N GLY A 298 6.97 -12.29 -7.19
CA GLY A 298 7.01 -13.47 -8.04
C GLY A 298 8.28 -14.25 -7.77
N THR A 299 9.34 -13.56 -7.34
CA THR A 299 10.63 -14.22 -7.09
C THR A 299 11.15 -13.97 -5.68
N GLN A 300 10.60 -12.97 -4.99
CA GLN A 300 11.01 -12.73 -3.62
C GLN A 300 10.04 -11.79 -2.93
N PRO A 301 10.01 -11.83 -1.59
CA PRO A 301 9.08 -10.96 -0.87
C PRO A 301 9.38 -9.52 -1.24
N VAL A 302 8.34 -8.73 -1.47
CA VAL A 302 8.50 -7.33 -1.84
C VAL A 302 9.40 -6.62 -0.86
N LEU A 303 9.20 -6.89 0.42
CA LEU A 303 9.94 -6.20 1.47
C LEU A 303 11.43 -6.57 1.49
N ASP A 304 11.84 -7.55 0.68
CA ASP A 304 13.25 -7.92 0.60
C ASP A 304 13.95 -7.35 -0.63
N VAL A 305 13.23 -6.66 -1.49
CA VAL A 305 13.88 -6.08 -2.65
C VAL A 305 14.83 -4.99 -2.17
N LYS A 306 16.03 -4.94 -2.72
CA LYS A 306 16.97 -3.87 -2.41
C LYS A 306 16.83 -2.76 -3.44
N PRO A 307 16.34 -1.59 -3.02
CA PRO A 307 16.03 -0.57 -4.04
C PRO A 307 17.26 -0.09 -4.77
N GLU A 308 17.17 -0.04 -6.10
CA GLU A 308 18.27 0.45 -6.90
C GLU A 308 17.99 1.85 -7.47
N ALA A 309 16.77 2.34 -7.24
CA ALA A 309 16.39 3.72 -7.57
C ALA A 309 15.10 4.08 -6.85
N ILE A 310 14.92 5.35 -6.52
CA ILE A 310 13.79 5.72 -5.67
C ILE A 310 12.43 5.60 -6.36
N HIS A 311 12.40 5.58 -7.69
CA HIS A 311 11.17 5.37 -8.43
C HIS A 311 11.17 4.01 -9.13
N GLN A 312 11.96 3.08 -8.61
CA GLN A 312 11.98 1.71 -9.11
C GLN A 312 10.60 1.07 -9.01
N ARG A 313 10.24 0.33 -10.05
CA ARG A 313 8.99 -0.44 -10.06
C ARG A 313 9.29 -1.88 -9.70
N VAL A 314 8.30 -2.57 -9.16
CA VAL A 314 8.40 -4.01 -9.01
C VAL A 314 7.03 -4.63 -9.27
N PRO A 315 7.03 -5.90 -9.70
CA PRO A 315 5.81 -6.67 -9.70
C PRO A 315 5.21 -6.76 -8.31
N LEU A 316 3.89 -6.82 -8.23
CA LEU A 316 3.22 -6.97 -6.95
C LEU A 316 2.18 -8.05 -7.03
N ILE A 317 2.37 -9.08 -6.22
CA ILE A 317 1.34 -10.07 -5.94
C ILE A 317 1.19 -10.19 -4.42
N LEU A 318 -0.01 -9.95 -3.90
CA LEU A 318 -0.22 -10.01 -2.46
C LEU A 318 -1.60 -10.49 -2.08
N GLY A 319 -1.75 -10.90 -0.84
CA GLY A 319 -3.05 -11.24 -0.30
C GLY A 319 -3.02 -12.39 0.69
N SER A 320 -4.10 -13.15 0.71
CA SER A 320 -4.17 -14.34 1.51
C SER A 320 -2.98 -15.23 1.24
N PRO A 321 -2.36 -15.75 2.30
CA PRO A 321 -1.07 -16.38 2.08
C PRO A 321 -1.20 -17.64 1.22
N GLU A 322 -2.28 -18.41 1.37
CA GLU A 322 -2.38 -19.62 0.57
C GLU A 322 -2.64 -19.28 -0.89
N ASP A 323 -3.24 -18.13 -1.17
CA ASP A 323 -3.47 -17.75 -2.56
C ASP A 323 -2.17 -17.31 -3.23
N VAL A 324 -1.40 -16.52 -2.52
CA VAL A 324 -0.11 -16.10 -3.01
C VAL A 324 0.86 -17.30 -3.13
N GLN A 325 0.75 -18.26 -2.24
CA GLN A 325 1.60 -19.44 -2.30
C GLN A 325 1.20 -20.27 -3.52
N GLU A 326 -0.08 -20.30 -3.84
CA GLU A 326 -0.51 -20.98 -5.06
C GLU A 326 0.12 -20.29 -6.27
N TYR A 327 0.10 -18.97 -6.29
CA TYR A 327 0.69 -18.23 -7.38
C TYR A 327 2.17 -18.58 -7.53
N LEU A 328 2.89 -18.64 -6.40
CA LEU A 328 4.32 -18.88 -6.43
C LEU A 328 4.63 -20.26 -6.99
N THR A 329 3.78 -21.23 -6.65
CA THR A 329 3.87 -22.55 -7.24
C THR A 329 3.83 -22.48 -8.75
N CYS A 330 2.94 -21.63 -9.29
CA CYS A 330 2.79 -21.49 -10.74
C CYS A 330 4.06 -20.88 -11.34
N VAL A 331 4.69 -19.96 -10.62
CA VAL A 331 5.95 -19.39 -11.07
C VAL A 331 7.09 -20.42 -11.07
N GLN A 332 7.25 -21.15 -9.96
CA GLN A 332 8.36 -22.09 -9.85
C GLN A 332 8.28 -23.09 -10.98
N LYS A 333 7.12 -23.70 -11.13
CA LYS A 333 6.95 -24.76 -12.11
C LYS A 333 6.75 -24.20 -13.52
N ASN A 334 6.79 -22.88 -13.63
CA ASN A 334 6.80 -22.19 -14.93
C ASN A 334 5.63 -22.55 -15.86
P1 FBP B . 0.76 5.26 -10.45
O1P FBP B . 0.44 6.01 -9.18
O2P FBP B . 1.07 6.25 -11.56
O3P FBP B . 1.92 4.31 -10.23
O1 FBP B . -0.50 4.35 -10.90
C1 FBP B . -1.04 3.50 -9.94
C2 FBP B . -2.38 2.91 -10.36
O2 FBP B . -3.37 3.93 -10.63
C3 FBP B . -2.85 2.02 -9.23
O3 FBP B . -3.67 2.72 -8.32
C4 FBP B . -3.58 0.89 -9.94
O4 FBP B . -3.49 -0.32 -9.23
C5 FBP B . -2.92 0.84 -11.31
O5 FBP B . -2.26 2.09 -11.52
C6 FBP B . -3.94 0.59 -12.41
O6 FBP B . -3.24 0.17 -13.56
P2 FBP B . -3.96 -0.45 -14.85
O4P FBP B . -4.73 -1.69 -14.46
O5P FBP B . -2.88 -0.70 -15.86
O6P FBP B . -4.94 0.53 -15.44
H11 FBP B . -1.18 4.05 -9.00
H12 FBP B . -0.35 2.69 -9.73
HO2 FBP B . -4.13 3.83 -10.03
H3 FBP B . -1.98 1.61 -8.72
HO3 FBP B . -4.56 2.33 -8.33
H4 FBP B . -4.63 1.17 -10.06
HO4 FBP B . -3.00 -0.98 -9.76
H5 FBP B . -2.19 0.04 -11.32
H61 FBP B . -4.64 -0.18 -12.11
H62 FBP B . -4.49 1.49 -12.63
#